data_5XDZ
#
_entry.id   5XDZ
#
_cell.length_a   68.150
_cell.length_b   82.830
_cell.length_c   36.500
_cell.angle_alpha   90.000
_cell.angle_beta   90.000
_cell.angle_gamma   90.000
#
_symmetry.space_group_name_H-M   'P 21 21 2'
#
loop_
_entity.id
_entity.type
_entity.pdbx_description
1 polymer 'Cellular trafficking protein'
2 polymer 'Cellular trafficking protein'
3 non-polymer 'SODIUM ION'
4 non-polymer 'CHLORIDE ION'
5 water water
#
loop_
_entity_poly.entity_id
_entity_poly.type
_entity_poly.pdbx_seq_one_letter_code
_entity_poly.pdbx_strand_id
1 'polypeptide(L)'
;MNLGTWRAVVSTAEASEENGEQMACYFVAVSLSEEDDCKNNHWTVSRKLIEFQALHRKLTECFPSLKKVQLPSLSKLPFK
SIDQKFLDKSKNQLNAFLQKVLTDERMCQSEALYAFLSPSLE
;
B
2 'polypeptide(L)'
;NLGTWRAVVSTAEASEENGEQMACYFVAVSLSEEDDCKNNHWTVSRKLIEFQALHRKLTECFPSLKKVQLPSLSKLPFKS
IDQKFLDKSKNQLNAFLQKVLTDERMCQSEALYAFLSPSLE
;
A
#
loop_
_chem_comp.id
_chem_comp.type
_chem_comp.name
_chem_comp.formula
CL non-polymer 'CHLORIDE ION' 'Cl -1'
NA non-polymer 'SODIUM ION' 'Na 1'
#
# COMPACT_ATOMS: atom_id res chain seq x y z
N MET A 1 -1.94 13.51 7.00
CA MET A 1 -2.99 12.54 7.28
C MET A 1 -2.83 11.96 8.68
N ASN A 2 -3.92 11.43 9.22
CA ASN A 2 -3.91 10.79 10.53
C ASN A 2 -4.94 9.68 10.58
N LEU A 3 -4.45 8.46 10.73
CA LEU A 3 -5.30 7.31 10.94
C LEU A 3 -4.97 6.76 12.34
N GLY A 4 -4.56 7.64 13.24
CA GLY A 4 -4.18 7.25 14.59
C GLY A 4 -2.75 6.75 14.60
N THR A 5 -2.19 6.49 15.79
CA THR A 5 -0.83 5.90 15.86
C THR A 5 -0.90 4.37 15.99
N TRP A 6 -0.18 3.71 15.12
CA TRP A 6 -0.34 2.30 14.97
C TRP A 6 0.59 1.54 15.92
N ARG A 7 0.44 0.22 15.95
CA ARG A 7 1.34 -0.70 16.63
C ARG A 7 1.93 -1.57 15.53
N ALA A 8 3.17 -2.02 15.70
CA ALA A 8 3.80 -2.84 14.67
C ALA A 8 4.89 -3.69 15.29
N VAL A 9 4.90 -4.99 14.97
CA VAL A 9 5.88 -5.91 15.52
CA VAL A 9 5.91 -5.89 15.50
C VAL A 9 6.30 -6.90 14.45
N VAL A 10 7.60 -7.06 14.27
CA VAL A 10 8.15 -8.06 13.37
C VAL A 10 8.15 -9.36 14.09
N SER A 11 7.49 -10.33 13.46
CA SER A 11 7.26 -11.63 14.00
C SER A 11 8.16 -12.72 13.40
N THR A 12 7.89 -13.00 12.13
CA THR A 12 8.58 -14.00 11.30
C THR A 12 9.55 -13.29 10.41
N ALA A 13 10.69 -13.92 10.22
CA ALA A 13 11.69 -13.43 9.28
C ALA A 13 12.21 -14.57 8.42
N GLU A 14 12.61 -14.25 7.20
CA GLU A 14 13.06 -15.22 6.22
C GLU A 14 14.26 -14.73 5.47
N ALA A 15 15.14 -15.66 5.11
CA ALA A 15 16.19 -15.34 4.15
C ALA A 15 15.86 -16.08 2.86
N SER A 16 15.87 -15.40 1.72
CA SER A 16 15.79 -16.13 0.47
C SER A 16 16.44 -15.28 -0.58
N GLU A 17 16.22 -15.58 -1.85
CA GLU A 17 16.85 -14.77 -2.90
C GLU A 17 15.85 -13.94 -3.68
N GLU A 18 16.35 -12.82 -4.20
CA GLU A 18 15.64 -12.16 -5.29
C GLU A 18 16.67 -11.51 -6.23
N ASN A 19 16.38 -11.62 -7.53
CA ASN A 19 17.33 -11.27 -8.58
C ASN A 19 18.70 -11.89 -8.30
N GLY A 20 18.69 -13.14 -7.84
CA GLY A 20 19.92 -13.87 -7.56
C GLY A 20 20.76 -13.19 -6.50
N GLU A 21 20.10 -12.45 -5.61
CA GLU A 21 20.76 -11.81 -4.48
C GLU A 21 20.04 -12.22 -3.21
N GLN A 22 20.78 -12.58 -2.17
CA GLN A 22 20.15 -12.97 -0.92
C GLN A 22 19.44 -11.74 -0.39
N MET A 23 18.23 -11.95 0.12
CA MET A 23 17.43 -10.87 0.66
C MET A 23 16.78 -11.43 1.92
N ALA A 24 16.55 -10.55 2.87
CA ALA A 24 15.86 -10.91 4.12
C ALA A 24 14.49 -10.24 4.08
N CYS A 25 13.45 -10.99 4.40
CA CYS A 25 12.17 -10.33 4.51
CA CYS A 25 12.05 -10.55 4.43
CA CYS A 25 12.07 -10.53 4.41
C CYS A 25 11.51 -10.67 5.83
N TYR A 26 10.70 -9.71 6.24
CA TYR A 26 10.14 -9.66 7.56
C TYR A 26 8.66 -9.46 7.51
N PHE A 27 7.93 -10.27 8.25
CA PHE A 27 6.47 -10.09 8.31
C PHE A 27 6.18 -9.24 9.49
N VAL A 28 5.55 -8.10 9.21
CA VAL A 28 5.22 -7.13 10.23
C VAL A 28 3.75 -7.19 10.54
N ALA A 29 3.45 -7.48 11.80
CA ALA A 29 2.06 -7.52 12.26
C ALA A 29 1.70 -6.14 12.75
N VAL A 30 0.72 -5.55 12.09
CA VAL A 30 0.34 -4.16 12.34
C VAL A 30 -1.05 -4.09 12.91
N SER A 31 -1.25 -3.13 13.82
CA SER A 31 -2.56 -2.85 14.39
C SER A 31 -2.84 -1.36 14.50
N LEU A 32 -4.12 -1.01 14.51
CA LEU A 32 -4.49 0.36 14.87
C LEU A 32 -4.19 0.63 16.34
N SER A 33 -4.14 1.92 16.69
CA SER A 33 -4.09 2.35 18.09
C SER A 33 -5.18 1.63 18.89
N GLU A 34 -4.83 1.18 20.10
CA GLU A 34 -5.79 0.60 21.03
C GLU A 34 -7.00 1.52 21.25
N ASN A 40 -11.69 -6.23 13.66
CA ASN A 40 -10.63 -6.81 12.83
C ASN A 40 -9.66 -5.73 12.33
N ASN A 41 -8.96 -5.10 13.27
CA ASN A 41 -8.17 -3.88 13.01
C ASN A 41 -6.65 -4.14 12.97
N HIS A 42 -6.27 -5.17 12.23
CA HIS A 42 -4.93 -5.68 12.19
C HIS A 42 -4.72 -6.32 10.83
N TRP A 43 -3.48 -6.35 10.38
CA TRP A 43 -3.11 -6.95 9.14
C TRP A 43 -1.62 -7.21 9.23
N THR A 44 -1.09 -7.92 8.25
CA THR A 44 0.34 -8.20 8.17
C THR A 44 0.91 -7.85 6.83
N VAL A 45 2.05 -7.17 6.83
CA VAL A 45 2.73 -6.85 5.60
C VAL A 45 4.12 -7.51 5.59
N SER A 46 4.59 -7.78 4.39
CA SER A 46 5.93 -8.32 4.18
C SER A 46 6.82 -7.23 3.65
N ARG A 47 7.95 -7.00 4.35
CA ARG A 47 8.89 -5.96 3.97
C ARG A 47 10.33 -6.47 3.99
N LYS A 48 11.05 -6.13 2.93
CA LYS A 48 12.46 -6.56 2.78
C LYS A 48 13.33 -5.69 3.66
N LEU A 49 14.52 -6.19 4.04
CA LEU A 49 15.44 -5.37 4.82
C LEU A 49 15.73 -4.06 4.08
N ILE A 50 15.87 -4.12 2.76
CA ILE A 50 16.20 -2.91 2.00
C ILE A 50 15.07 -1.91 2.05
N GLU A 51 13.84 -2.37 2.29
CA GLU A 51 12.73 -1.42 2.42
C GLU A 51 12.79 -0.76 3.79
N PHE A 52 13.17 -1.51 4.81
CA PHE A 52 13.37 -0.87 6.13
C PHE A 52 14.49 0.15 6.03
N GLN A 53 15.55 -0.19 5.32
CA GLN A 53 16.72 0.70 5.21
C GLN A 53 16.30 1.98 4.51
N ALA A 54 15.46 1.86 3.48
CA ALA A 54 15.02 3.04 2.72
C ALA A 54 14.19 3.95 3.60
N LEU A 55 13.28 3.36 4.35
CA LEU A 55 12.46 4.14 5.28
C LEU A 55 13.34 4.85 6.30
N HIS A 56 14.31 4.14 6.87
CA HIS A 56 15.18 4.73 7.87
C HIS A 56 15.99 5.87 7.24
N ARG A 57 16.46 5.69 6.00
CA ARG A 57 17.22 6.75 5.30
C ARG A 57 16.33 7.99 5.16
N LYS A 58 15.10 7.81 4.73
CA LYS A 58 14.20 8.96 4.54
C LYS A 58 13.97 9.69 5.84
N LEU A 59 13.68 8.95 6.91
CA LEU A 59 13.29 9.60 8.16
C LEU A 59 14.52 10.26 8.80
N THR A 60 15.69 9.65 8.62
CA THR A 60 16.94 10.10 9.25
C THR A 60 17.45 11.41 8.62
N GLU A 61 17.17 11.61 7.33
CA GLU A 61 17.48 12.89 6.67
C GLU A 61 16.84 14.07 7.39
N CYS A 62 15.63 13.85 7.87
CA CYS A 62 14.93 14.89 8.60
C CYS A 62 15.14 14.87 10.09
N PHE A 63 15.33 13.68 10.64
CA PHE A 63 15.40 13.53 12.10
C PHE A 63 16.58 12.66 12.47
N PRO A 64 17.78 13.27 12.53
CA PRO A 64 19.02 12.50 12.70
C PRO A 64 19.14 11.76 14.01
N SER A 65 18.26 12.02 14.96
CA SER A 65 18.30 11.24 16.20
C SER A 65 18.23 9.72 15.87
N LEU A 66 17.59 9.38 14.76
CA LEU A 66 17.43 7.99 14.31
C LEU A 66 18.73 7.35 13.84
N LYS A 67 19.77 8.18 13.64
CA LYS A 67 21.09 7.65 13.38
C LYS A 67 21.54 6.69 14.47
N LYS A 68 21.09 6.93 15.69
CA LYS A 68 21.52 6.14 16.84
C LYS A 68 20.93 4.75 16.77
N VAL A 69 19.92 4.59 15.91
CA VAL A 69 19.25 3.33 15.76
C VAL A 69 19.96 2.52 14.69
N GLN A 70 20.60 1.43 15.08
CA GLN A 70 21.42 0.68 14.14
C GLN A 70 20.57 -0.31 13.39
N LEU A 71 20.61 -0.28 12.06
CA LEU A 71 19.89 -1.30 11.29
C LEU A 71 20.81 -2.40 10.86
N PRO A 72 20.23 -3.54 10.54
CA PRO A 72 21.02 -4.64 10.02
C PRO A 72 21.53 -4.33 8.66
N SER A 73 22.61 -4.98 8.28
CA SER A 73 23.19 -4.81 6.97
C SER A 73 23.53 -6.17 6.38
N LEU A 74 23.42 -6.29 5.06
CA LEU A 74 23.82 -7.52 4.37
C LEU A 74 25.26 -7.40 3.88
N SER A 75 26.08 -6.73 4.68
CA SER A 75 27.49 -6.53 4.37
C SER A 75 28.32 -7.78 4.65
N LYS A 76 27.74 -8.73 5.38
CA LYS A 76 28.48 -9.92 5.81
C LYS A 76 28.84 -10.80 4.63
N SER A 81 27.04 -15.72 4.30
CA SER A 81 25.64 -15.61 3.90
C SER A 81 24.72 -15.35 5.10
N ILE A 82 23.48 -14.95 4.83
CA ILE A 82 22.48 -14.79 5.87
C ILE A 82 22.16 -16.08 6.60
N ASP A 83 22.18 -16.03 7.93
CA ASP A 83 21.84 -17.22 8.70
C ASP A 83 20.79 -16.97 9.81
N GLN A 84 20.42 -18.00 10.55
CA GLN A 84 19.28 -17.88 11.45
C GLN A 84 19.59 -16.94 12.62
N LYS A 85 20.84 -16.95 13.04
CA LYS A 85 21.28 -16.02 14.06
C LYS A 85 21.07 -14.58 13.57
N PHE A 86 21.41 -14.32 12.30
CA PHE A 86 21.26 -12.99 11.77
C PHE A 86 19.79 -12.63 11.76
N LEU A 87 18.94 -13.60 11.40
CA LEU A 87 17.51 -13.28 11.33
C LEU A 87 16.96 -12.91 12.72
N ASP A 88 17.36 -13.66 13.75
CA ASP A 88 16.94 -13.30 15.11
C ASP A 88 17.39 -11.91 15.55
N LYS A 89 18.65 -11.58 15.32
CA LYS A 89 19.19 -10.33 15.78
C LYS A 89 18.55 -9.21 15.01
N SER A 90 18.51 -9.38 13.69
CA SER A 90 17.97 -8.33 12.83
C SER A 90 16.52 -8.07 13.12
N LYS A 91 15.73 -9.10 13.39
CA LYS A 91 14.33 -8.78 13.67
C LYS A 91 14.19 -7.96 14.99
N ASN A 92 15.04 -8.17 16.00
CA ASN A 92 15.05 -7.32 17.19
C ASN A 92 15.45 -5.87 16.88
N GLN A 93 16.44 -5.71 16.00
CA GLN A 93 16.89 -4.37 15.61
C GLN A 93 15.80 -3.63 14.85
N LEU A 94 15.06 -4.34 14.03
CA LEU A 94 13.99 -3.69 13.24
C LEU A 94 12.83 -3.37 14.12
N ASN A 95 12.56 -4.22 15.12
CA ASN A 95 11.54 -3.87 16.07
C ASN A 95 11.91 -2.66 16.92
N ALA A 96 13.20 -2.50 17.27
CA ALA A 96 13.61 -1.31 18.02
C ALA A 96 13.43 -0.08 17.17
N PHE A 97 13.70 -0.20 15.88
CA PHE A 97 13.49 0.91 14.93
C PHE A 97 12.03 1.28 14.84
N LEU A 98 11.16 0.28 14.67
CA LEU A 98 9.73 0.57 14.60
C LEU A 98 9.24 1.23 15.88
N GLN A 99 9.71 0.71 17.02
CA GLN A 99 9.29 1.26 18.30
C GLN A 99 9.71 2.74 18.39
N LYS A 100 10.91 3.06 17.92
CA LYS A 100 11.40 4.45 17.97
C LYS A 100 10.57 5.36 17.07
N VAL A 101 10.19 4.87 15.91
CA VAL A 101 9.47 5.72 14.95
C VAL A 101 8.04 5.92 15.40
N LEU A 102 7.41 4.84 15.87
CA LEU A 102 6.01 4.90 16.25
C LEU A 102 5.73 5.71 17.51
N THR A 103 6.74 5.92 18.34
CA THR A 103 6.56 6.67 19.57
C THR A 103 7.04 8.12 19.40
N ASP A 104 7.44 8.49 18.18
CA ASP A 104 8.01 9.82 17.94
C ASP A 104 6.96 10.65 17.23
N GLU A 105 6.42 11.66 17.89
CA GLU A 105 5.30 12.38 17.29
C GLU A 105 5.72 13.21 16.08
N ARG A 106 7.02 13.34 15.84
CA ARG A 106 7.51 14.06 14.67
C ARG A 106 7.32 13.23 13.40
N MET A 107 7.21 11.90 13.57
CA MET A 107 7.26 10.96 12.46
C MET A 107 6.09 9.99 12.39
N CYS A 108 5.45 9.75 13.53
CA CYS A 108 4.65 8.55 13.65
C CYS A 108 3.37 8.64 12.81
N GLN A 109 3.04 9.84 12.33
CA GLN A 109 1.89 10.02 11.43
C GLN A 109 2.28 10.65 10.07
N SER A 110 3.52 10.44 9.62
CA SER A 110 3.90 10.74 8.24
C SER A 110 3.30 9.76 7.25
N GLU A 111 2.94 10.22 6.06
CA GLU A 111 2.43 9.32 5.02
C GLU A 111 3.49 8.29 4.62
N ALA A 112 4.79 8.59 4.81
CA ALA A 112 5.80 7.58 4.51
C ALA A 112 5.67 6.37 5.45
N LEU A 113 5.30 6.61 6.70
CA LEU A 113 5.09 5.50 7.64
C LEU A 113 3.80 4.76 7.31
N TYR A 114 2.73 5.50 6.97
CA TYR A 114 1.48 4.84 6.58
C TYR A 114 1.67 4.00 5.30
N ALA A 115 2.48 4.48 4.35
CA ALA A 115 2.79 3.72 3.17
C ALA A 115 3.52 2.45 3.52
N PHE A 116 4.49 2.57 4.39
CA PHE A 116 5.29 1.39 4.76
C PHE A 116 4.46 0.35 5.50
N LEU A 117 3.60 0.78 6.41
CA LEU A 117 2.90 -0.19 7.28
C LEU A 117 1.51 -0.63 6.78
N SER A 118 0.92 0.06 5.80
CA SER A 118 -0.33 -0.38 5.22
C SER A 118 -0.15 -1.45 4.15
N PRO A 119 -1.22 -2.18 3.88
CA PRO A 119 -1.13 -3.22 2.85
C PRO A 119 -0.76 -2.64 1.54
N SER A 120 0.03 -3.40 0.80
CA SER A 120 0.56 -3.03 -0.51
CA SER A 120 0.54 -3.00 -0.49
C SER A 120 -0.19 -3.70 -1.66
N LEU A 121 -0.33 -3.01 -2.78
CA LEU A 121 -0.82 -3.67 -3.99
C LEU A 121 0.23 -4.59 -4.53
N GLU A 122 -0.19 -5.71 -5.11
CA GLU A 122 0.76 -6.58 -5.79
C GLU A 122 1.42 -5.79 -6.93
N ASN B 1 -12.12 2.56 9.71
CA ASN B 1 -13.26 1.97 8.99
C ASN B 1 -13.44 2.59 7.62
N LEU B 2 -13.12 1.81 6.57
CA LEU B 2 -13.16 2.32 5.20
C LEU B 2 -14.56 2.73 4.78
N GLY B 3 -15.58 2.35 5.55
CA GLY B 3 -16.95 2.76 5.27
C GLY B 3 -17.17 4.27 5.41
N THR B 4 -16.22 4.96 6.03
CA THR B 4 -16.29 6.42 6.21
C THR B 4 -15.31 7.15 5.29
N TRP B 5 -14.53 6.38 4.53
CA TRP B 5 -13.60 6.92 3.55
C TRP B 5 -14.33 7.38 2.28
N ARG B 6 -13.84 8.45 1.68
CA ARG B 6 -14.32 8.89 0.36
C ARG B 6 -13.16 8.80 -0.61
N ALA B 7 -13.42 8.41 -1.85
CA ALA B 7 -12.37 8.40 -2.84
C ALA B 7 -12.86 8.97 -4.13
N VAL B 8 -12.25 10.09 -4.52
CA VAL B 8 -12.57 10.80 -5.77
C VAL B 8 -11.53 10.61 -6.85
N VAL B 9 -11.95 10.02 -7.97
CA VAL B 9 -11.07 9.88 -9.11
C VAL B 9 -11.06 11.22 -9.80
N SER B 10 -9.93 11.91 -9.74
CA SER B 10 -9.86 13.36 -9.96
C SER B 10 -9.36 13.74 -11.33
N THR B 11 -8.31 13.08 -11.76
CA THR B 11 -7.78 13.31 -13.09
C THR B 11 -7.38 11.97 -13.68
N ALA B 12 -7.18 11.99 -14.99
CA ALA B 12 -6.83 10.85 -15.77
C ALA B 12 -5.88 11.27 -16.89
N GLU B 13 -4.84 10.48 -17.15
CA GLU B 13 -3.96 10.73 -18.27
C GLU B 13 -3.54 9.42 -18.93
N ALA B 14 -3.06 9.51 -20.16
CA ALA B 14 -2.43 8.36 -20.79
C ALA B 14 -0.99 8.42 -20.36
N SER B 15 -0.46 7.28 -19.95
CA SER B 15 0.94 7.23 -19.54
C SER B 15 1.64 6.07 -20.21
N GLU B 16 2.96 6.14 -20.22
CA GLU B 16 3.82 5.16 -20.86
C GLU B 16 4.52 4.29 -19.82
N GLU B 17 4.38 2.99 -19.98
CA GLU B 17 4.95 2.02 -19.05
C GLU B 17 5.55 0.88 -19.87
N ASN B 18 6.87 0.93 -20.07
CA ASN B 18 7.56 -0.02 -20.90
C ASN B 18 7.00 -0.02 -22.33
N GLU B 20 3.46 -0.22 -23.57
CA GLU B 20 2.01 -0.13 -23.52
C GLU B 20 1.56 1.25 -23.05
N GLN B 21 0.72 1.90 -23.84
CA GLN B 21 0.02 3.07 -23.37
C GLN B 21 -1.05 2.61 -22.38
N MET B 22 -1.00 3.18 -21.18
CA MET B 22 -1.91 2.82 -20.10
C MET B 22 -2.74 4.02 -19.65
N ALA B 23 -3.96 3.75 -19.23
CA ALA B 23 -4.79 4.77 -18.61
C ALA B 23 -4.45 4.85 -17.12
N CYS B 24 -4.14 6.06 -16.65
CA CYS B 24 -3.73 6.28 -15.26
CA CYS B 24 -3.73 6.28 -15.26
C CYS B 24 -4.55 7.37 -14.59
N TYR B 25 -4.86 7.16 -13.31
CA TYR B 25 -5.75 8.01 -12.56
C TYR B 25 -5.15 8.43 -11.24
N PHE B 26 -5.44 9.66 -10.84
CA PHE B 26 -5.11 10.11 -9.49
C PHE B 26 -6.38 10.16 -8.66
N VAL B 27 -6.31 9.52 -7.50
CA VAL B 27 -7.45 9.30 -6.65
C VAL B 27 -7.24 10.02 -5.35
N ALA B 28 -8.15 10.94 -5.06
CA ALA B 28 -8.06 11.71 -3.82
C ALA B 28 -8.89 11.04 -2.75
N VAL B 29 -8.19 10.55 -1.74
CA VAL B 29 -8.81 9.80 -0.67
C VAL B 29 -8.88 10.64 0.58
N SER B 30 -10.01 10.58 1.28
CA SER B 30 -10.16 11.30 2.54
C SER B 30 -11.12 10.59 3.49
N LEU B 31 -11.09 11.00 4.76
CA LEU B 31 -12.00 10.46 5.77
C LEU B 31 -13.21 11.35 5.83
N SER B 32 -14.37 10.85 5.40
CA SER B 32 -15.56 11.70 5.26
C SER B 32 -16.28 11.91 6.60
N GLU B 33 -15.72 11.37 7.68
CA GLU B 33 -16.22 11.64 9.03
C GLU B 33 -15.56 12.88 9.61
N ASN B 40 -7.22 15.66 6.41
CA ASN B 40 -6.92 14.24 6.54
C ASN B 40 -7.18 13.57 5.18
N HIS B 41 -6.16 13.62 4.33
CA HIS B 41 -6.34 13.34 2.93
C HIS B 41 -5.02 12.92 2.33
N TRP B 42 -5.09 12.07 1.31
CA TRP B 42 -3.90 11.75 0.54
C TRP B 42 -4.33 11.39 -0.88
N THR B 43 -3.37 11.24 -1.77
CA THR B 43 -3.65 10.87 -3.16
C THR B 43 -2.82 9.68 -3.59
N VAL B 44 -3.45 8.76 -4.33
CA VAL B 44 -2.75 7.60 -4.85
C VAL B 44 -2.88 7.66 -6.40
N SER B 45 -1.95 7.00 -7.05
CA SER B 45 -1.90 6.90 -8.50
C SER B 45 -2.24 5.46 -8.89
N ARG B 46 -3.27 5.24 -9.70
CA ARG B 46 -3.74 3.90 -10.02
C ARG B 46 -4.06 3.73 -11.51
N LYS B 47 -3.60 2.64 -12.10
CA LYS B 47 -3.87 2.33 -13.48
C LYS B 47 -5.27 1.74 -13.64
N LEU B 48 -5.86 1.89 -14.81
CA LEU B 48 -7.13 1.24 -15.09
C LEU B 48 -7.06 -0.27 -14.76
N ILE B 49 -5.98 -0.93 -15.14
CA ILE B 49 -5.89 -2.36 -14.87
C ILE B 49 -5.90 -2.68 -13.39
N GLU B 50 -5.40 -1.77 -12.56
CA GLU B 50 -5.45 -1.96 -11.10
C GLU B 50 -6.90 -1.80 -10.61
N PHE B 51 -7.65 -0.85 -11.18
CA PHE B 51 -9.07 -0.78 -10.81
C PHE B 51 -9.75 -2.10 -11.16
N GLN B 52 -9.41 -2.61 -12.33
CA GLN B 52 -10.06 -3.81 -12.83
C GLN B 52 -9.67 -5.00 -11.96
N ALA B 53 -8.41 -5.02 -11.55
CA ALA B 53 -7.93 -6.12 -10.70
C ALA B 53 -8.68 -6.11 -9.38
N LEU B 54 -8.90 -4.92 -8.85
CA LEU B 54 -9.64 -4.80 -7.61
C LEU B 54 -11.06 -5.32 -7.82
N HIS B 55 -11.71 -4.87 -8.89
CA HIS B 55 -13.06 -5.32 -9.19
C HIS B 55 -13.09 -6.85 -9.33
N ARG B 56 -12.08 -7.43 -10.00
CA ARG B 56 -11.99 -8.87 -10.17
C ARG B 56 -11.91 -9.58 -8.82
N LYS B 57 -10.99 -9.14 -7.97
CA LYS B 57 -10.83 -9.73 -6.63
C LYS B 57 -12.13 -9.68 -5.86
N LEU B 58 -12.73 -8.50 -5.84
CA LEU B 58 -13.92 -8.33 -5.08
C LEU B 58 -15.06 -9.14 -5.70
N THR B 59 -15.09 -9.27 -7.03
CA THR B 59 -16.20 -9.96 -7.70
C THR B 59 -16.11 -11.49 -7.52
N GLU B 60 -14.90 -12.05 -7.43
CA GLU B 60 -14.77 -13.50 -7.23
C GLU B 60 -15.32 -13.83 -5.88
N CYS B 61 -15.09 -12.91 -4.95
CA CYS B 61 -15.52 -13.09 -3.57
CA CYS B 61 -15.56 -13.06 -3.58
C CYS B 61 -17.01 -12.77 -3.42
N PHE B 62 -17.44 -11.73 -4.12
CA PHE B 62 -18.83 -11.30 -4.06
C PHE B 62 -19.38 -11.19 -5.45
N PRO B 63 -19.94 -12.30 -5.98
CA PRO B 63 -20.31 -12.25 -7.40
C PRO B 63 -21.35 -11.19 -7.77
N SER B 64 -22.03 -10.61 -6.79
CA SER B 64 -23.03 -9.60 -7.07
C SER B 64 -22.43 -8.36 -7.73
N LEU B 65 -21.15 -8.13 -7.51
CA LEU B 65 -20.50 -6.92 -7.99
C LEU B 65 -20.35 -6.92 -9.51
N LYS B 66 -20.54 -8.07 -10.12
CA LYS B 66 -20.35 -8.24 -11.56
C LYS B 66 -21.29 -7.35 -12.39
N LYS B 67 -22.30 -6.78 -11.74
CA LYS B 67 -23.23 -5.89 -12.44
C LYS B 67 -22.68 -4.48 -12.49
N VAL B 68 -21.72 -4.17 -11.62
CA VAL B 68 -21.05 -2.88 -11.65
C VAL B 68 -20.13 -2.86 -12.83
N GLN B 69 -20.29 -1.86 -13.67
CA GLN B 69 -19.57 -1.83 -14.92
C GLN B 69 -18.38 -0.90 -14.77
N LEU B 70 -17.22 -1.38 -15.20
CA LEU B 70 -16.01 -0.60 -15.25
C LEU B 70 -15.72 -0.25 -16.71
N PRO B 71 -14.94 0.80 -16.92
CA PRO B 71 -14.40 1.02 -18.27
C PRO B 71 -13.41 -0.07 -18.67
N SER B 72 -13.33 -0.33 -19.96
CA SER B 72 -12.48 -1.35 -20.53
C SER B 72 -12.00 -0.90 -21.91
N LEU B 73 -10.85 -1.43 -22.31
CA LEU B 73 -10.20 -1.18 -23.61
C LEU B 73 -9.74 -2.43 -24.28
N SER B 74 -9.98 -2.49 -25.58
CA SER B 74 -9.45 -3.51 -26.43
C SER B 74 -8.70 -2.81 -27.55
N LYS B 75 -7.39 -2.64 -27.35
CA LYS B 75 -6.59 -1.90 -28.33
C LYS B 75 -5.20 -2.47 -28.43
N LEU B 76 -4.52 -2.07 -29.49
CA LEU B 76 -3.15 -2.52 -29.70
C LEU B 76 -2.33 -1.79 -28.65
N PRO B 77 -1.30 -2.46 -28.10
CA PRO B 77 -0.59 -1.83 -26.98
C PRO B 77 -0.02 -0.44 -27.32
N PHE B 78 0.52 -0.27 -28.52
CA PHE B 78 1.12 1.02 -28.92
C PHE B 78 0.10 2.12 -29.16
N LYS B 79 -1.12 1.74 -29.54
CA LYS B 79 -2.18 2.71 -29.79
C LYS B 79 -2.43 3.62 -28.59
N SER B 80 -2.52 4.92 -28.86
CA SER B 80 -2.83 5.90 -27.83
C SER B 80 -4.28 5.78 -27.37
N ILE B 81 -4.57 6.37 -26.22
CA ILE B 81 -5.94 6.39 -25.66
C ILE B 81 -6.54 7.77 -25.85
N ASP B 82 -7.75 7.85 -26.39
CA ASP B 82 -8.37 9.15 -26.65
C ASP B 82 -8.80 9.80 -25.35
N GLN B 83 -8.74 11.13 -25.34
CA GLN B 83 -9.03 11.88 -24.13
C GLN B 83 -10.49 11.73 -23.75
N LYS B 84 -11.36 11.52 -24.73
CA LYS B 84 -12.77 11.38 -24.40
C LYS B 84 -12.99 10.16 -23.49
N PHE B 85 -12.37 9.05 -23.84
CA PHE B 85 -12.53 7.84 -23.05
C PHE B 85 -12.02 8.10 -21.64
N LEU B 86 -10.89 8.79 -21.56
CA LEU B 86 -10.29 9.05 -20.25
C LEU B 86 -11.20 9.87 -19.35
N ASP B 87 -11.69 10.99 -19.87
CA ASP B 87 -12.60 11.84 -19.12
C ASP B 87 -13.85 11.09 -18.67
N LYS B 88 -14.48 10.37 -19.59
CA LYS B 88 -15.68 9.61 -19.32
C LYS B 88 -15.45 8.56 -18.26
N SER B 89 -14.33 7.85 -18.40
CA SER B 89 -14.09 6.69 -17.58
C SER B 89 -13.99 7.09 -16.11
N LYS B 90 -13.66 8.35 -15.81
CA LYS B 90 -13.54 8.78 -14.41
C LYS B 90 -14.84 8.55 -13.67
N ASN B 91 -15.96 8.86 -14.32
CA ASN B 91 -17.26 8.76 -13.66
C ASN B 91 -17.63 7.36 -13.24
N GLN B 92 -17.37 6.42 -14.13
CA GLN B 92 -17.66 5.04 -13.83
C GLN B 92 -16.78 4.56 -12.69
N LEU B 93 -15.51 4.93 -12.73
CA LEU B 93 -14.58 4.51 -11.65
C LEU B 93 -15.00 5.14 -10.32
N ASN B 94 -15.43 6.39 -10.33
CA ASN B 94 -15.98 6.97 -9.08
C ASN B 94 -17.20 6.23 -8.55
N ALA B 95 -18.11 5.85 -9.43
CA ALA B 95 -19.32 5.15 -9.01
C ALA B 95 -18.95 3.81 -8.41
N PHE B 96 -17.99 3.16 -9.04
CA PHE B 96 -17.47 1.90 -8.55
C PHE B 96 -16.92 2.08 -7.15
N LEU B 97 -16.06 3.07 -6.95
CA LEU B 97 -15.47 3.20 -5.61
C LEU B 97 -16.55 3.48 -4.59
N GLN B 98 -17.55 4.29 -4.93
CA GLN B 98 -18.56 4.57 -3.92
C GLN B 98 -19.37 3.31 -3.58
N LYS B 99 -19.73 2.51 -4.58
CA LYS B 99 -20.47 1.28 -4.30
C LYS B 99 -19.69 0.33 -3.39
N VAL B 100 -18.40 0.11 -3.61
CA VAL B 100 -17.70 -0.88 -2.80
C VAL B 100 -17.43 -0.30 -1.43
N LEU B 101 -17.30 1.02 -1.35
CA LEU B 101 -17.00 1.65 -0.07
C LEU B 101 -18.24 1.71 0.82
N THR B 102 -19.40 1.42 0.27
CA THR B 102 -20.61 1.47 1.07
C THR B 102 -21.09 0.07 1.46
N ASP B 103 -20.48 -0.96 0.89
CA ASP B 103 -20.82 -2.36 1.22
C ASP B 103 -20.04 -2.81 2.45
N GLU B 104 -20.73 -3.15 3.54
CA GLU B 104 -20.05 -3.44 4.81
C GLU B 104 -18.99 -4.52 4.63
N ARG B 105 -19.33 -5.55 3.87
CA ARG B 105 -18.39 -6.66 3.64
C ARG B 105 -17.16 -6.20 2.85
N MET B 106 -17.36 -5.59 1.70
CA MET B 106 -16.22 -5.17 0.90
C MET B 106 -15.30 -4.14 1.58
N CYS B 107 -15.87 -3.24 2.37
CA CYS B 107 -15.12 -2.25 3.13
CA CYS B 107 -14.99 -2.25 3.00
C CYS B 107 -14.17 -2.85 4.14
N GLN B 108 -14.37 -4.14 4.42
CA GLN B 108 -13.49 -4.84 5.34
C GLN B 108 -12.43 -5.61 4.58
N SER B 109 -12.44 -5.50 3.25
CA SER B 109 -11.48 -6.24 2.45
CA SER B 109 -11.48 -6.23 2.44
C SER B 109 -10.10 -5.61 2.46
N GLU B 110 -9.10 -6.46 2.64
CA GLU B 110 -7.74 -5.94 2.56
C GLU B 110 -7.41 -5.49 1.15
N ALA B 111 -8.07 -6.06 0.14
CA ALA B 111 -7.85 -5.65 -1.23
C ALA B 111 -8.16 -4.17 -1.44
N LEU B 112 -9.24 -3.71 -0.81
CA LEU B 112 -9.64 -2.31 -0.93
C LEU B 112 -8.70 -1.40 -0.16
N TYR B 113 -8.29 -1.84 1.04
CA TYR B 113 -7.34 -1.09 1.84
C TYR B 113 -5.98 -0.94 1.13
N ALA B 114 -5.52 -2.01 0.50
CA ALA B 114 -4.29 -1.93 -0.29
C ALA B 114 -4.48 -0.94 -1.45
N PHE B 115 -5.65 -1.00 -2.08
CA PHE B 115 -5.91 -0.13 -3.24
C PHE B 115 -5.93 1.37 -2.84
N LEU B 116 -6.56 1.70 -1.72
CA LEU B 116 -6.79 3.10 -1.37
C LEU B 116 -5.73 3.70 -0.44
N SER B 117 -4.95 2.87 0.24
CA SER B 117 -3.94 3.43 1.13
C SER B 117 -2.71 3.87 0.36
N PRO B 118 -1.91 4.73 0.98
CA PRO B 118 -0.68 5.15 0.30
C PRO B 118 0.19 4.00 -0.09
N SER B 119 0.86 4.15 -1.23
CA SER B 119 1.72 3.13 -1.81
C SER B 119 3.20 3.34 -1.47
N LEU B 120 3.86 2.23 -1.19
CA LEU B 120 5.25 2.27 -0.83
C LEU B 120 6.18 2.48 -2.02
NA NA C . 16.68 -7.40 1.61
CL CL D . 11.92 -7.52 19.44
NA NA E . -4.02 0.51 -17.32
#